data_4ZOG
#
_entry.id   4ZOG
#
_cell.length_a   105.937
_cell.length_b   132.425
_cell.length_c   56.551
_cell.angle_alpha   90.00
_cell.angle_beta   90.00
_cell.angle_gamma   90.00
#
_symmetry.space_group_name_H-M   'P 21 21 2'
#
loop_
_entity.id
_entity.type
_entity.pdbx_description
1 polymer 'Tyrosine-protein kinase ABL1'
2 non-polymer 'CYCLOPROPANECARBOXYLIC ACID {4-[4-(4-METHYL-PIPERAZIN-1-YL)-6-(5-METHYL-2H-PYRAZOL-3-YLAMINO)-PYRIMIDIN-2-YLSULFANYL]-PHENYL}-AMIDE'
3 non-polymer 2-METHOXYETHANOL
4 non-polymer '2-(N-MORPHOLINO)-ETHANESULFONIC ACID'
5 water water
#
_entity_poly.entity_id   1
_entity_poly.type   'polypeptide(L)'
_entity_poly.pdbx_seq_one_letter_code
;SPNYDKWEMERTDITMKHKLGGGQYGEVYEGVWKKYSLTVAVKTLKEDTMEVEEFLKEAAVMKEIKHPNLVQLLGVCTRE
PPFYIITEFMTYGNLLDYLRECNRQEVNAVVLLYMATQISSAMEYLEKKNFIHRDLAARNCLVGENHLVKVADFGLSRLM
TGDTYTAHAGAKFPIKWTAPESLAYNKFSIKSDVWAFGVLLWEIATYGMSPYPGIDLSQVYELLEKDYRMERPEGCPEKV
YELMRACWQWNPSDRPSFAEIHQAFETMFQESSISDEVEKELG
;
_entity_poly.pdbx_strand_id   A,B
#
loop_
_chem_comp.id
_chem_comp.type
_chem_comp.name
_chem_comp.formula
MES non-polymer '2-(N-MORPHOLINO)-ETHANESULFONIC ACID' 'C6 H13 N O4 S'
MXE non-polymer 2-METHOXYETHANOL 'C3 H8 O2'
VX6 non-polymer 'CYCLOPROPANECARBOXYLIC ACID {4-[4-(4-METHYL-PIPERAZIN-1-YL)-6-(5-METHYL-2H-PYRAZOL-3-YLAMINO)-PYRIMIDIN-2-YLSULFANYL]-PHENYL}-AMIDE' 'C23 H28 N8 O S'
#
# COMPACT_ATOMS: atom_id res chain seq x y z
N ASP A 5 -10.52 0.74 -18.98
CA ASP A 5 -9.74 1.13 -20.15
C ASP A 5 -9.44 -0.07 -21.06
N LYS A 6 -8.54 0.16 -22.01
CA LYS A 6 -8.12 -0.85 -22.99
C LYS A 6 -7.48 -2.10 -22.39
N TRP A 7 -6.97 -1.99 -21.17
CA TRP A 7 -6.27 -3.09 -20.51
C TRP A 7 -7.19 -4.04 -19.78
N GLU A 8 -8.37 -3.54 -19.41
CA GLU A 8 -9.29 -4.33 -18.61
C GLU A 8 -9.83 -5.52 -19.39
N MET A 9 -9.72 -6.70 -18.77
CA MET A 9 -10.21 -7.93 -19.37
C MET A 9 -11.37 -8.49 -18.59
N GLU A 10 -12.08 -9.42 -19.21
CA GLU A 10 -13.05 -10.23 -18.50
C GLU A 10 -12.30 -11.41 -17.89
N ARG A 11 -12.64 -11.77 -16.66
CA ARG A 11 -12.03 -12.92 -16.01
C ARG A 11 -12.17 -14.21 -16.83
N THR A 12 -13.24 -14.31 -17.60
CA THR A 12 -13.47 -15.53 -18.36
C THR A 12 -12.73 -15.57 -19.70
N ASP A 13 -12.08 -14.48 -20.07
CA ASP A 13 -11.27 -14.45 -21.29
C ASP A 13 -10.05 -15.37 -21.13
N ILE A 14 -9.78 -15.73 -19.88
CA ILE A 14 -8.63 -16.52 -19.48
C ILE A 14 -9.03 -17.83 -18.85
N THR A 15 -8.27 -18.88 -19.12
CA THR A 15 -8.48 -20.12 -18.41
C THR A 15 -7.14 -20.57 -17.83
N MET A 16 -7.18 -21.03 -16.58
CA MET A 16 -5.99 -21.46 -15.86
C MET A 16 -5.65 -22.93 -16.11
N LYS A 17 -4.37 -23.24 -16.23
CA LYS A 17 -3.96 -24.61 -16.50
C LYS A 17 -3.22 -25.24 -15.33
N HIS A 18 -2.12 -24.62 -14.90
CA HIS A 18 -1.28 -25.18 -13.84
C HIS A 18 -0.84 -24.14 -12.82
N LYS A 19 -0.81 -24.54 -11.55
CA LYS A 19 -0.14 -23.76 -10.51
C LYS A 19 1.34 -23.65 -10.83
N LEU A 20 1.92 -22.48 -10.57
CA LEU A 20 3.35 -22.22 -10.85
C LEU A 20 4.14 -21.82 -9.59
N GLY A 21 5.36 -22.32 -9.48
CA GLY A 21 6.32 -21.76 -8.55
C GLY A 21 6.30 -22.29 -7.13
N GLY A 22 5.59 -23.41 -6.92
CA GLY A 22 5.62 -24.13 -5.66
C GLY A 22 5.29 -23.34 -4.41
N GLY A 23 4.48 -22.30 -4.56
CA GLY A 23 4.11 -21.47 -3.44
C GLY A 23 4.98 -20.23 -3.29
N GLN A 24 6.24 -20.32 -3.73
CA GLN A 24 7.24 -19.28 -3.45
C GLN A 24 6.82 -17.93 -4.02
N TYR A 25 5.91 -17.94 -5.00
CA TYR A 25 5.46 -16.71 -5.63
C TYR A 25 3.95 -16.40 -5.51
N GLY A 26 3.27 -17.01 -4.54
CA GLY A 26 1.85 -16.75 -4.36
C GLY A 26 0.92 -17.47 -5.33
N GLU A 27 -0.25 -16.87 -5.58
CA GLU A 27 -1.28 -17.49 -6.42
C GLU A 27 -1.00 -17.22 -7.90
N VAL A 28 -0.12 -18.01 -8.51
CA VAL A 28 0.27 -17.76 -9.89
C VAL A 28 0.11 -19.00 -10.75
N TYR A 29 -0.30 -18.76 -12.00
CA TYR A 29 -0.69 -19.86 -12.88
C TYR A 29 -0.18 -19.67 -14.28
N GLU A 30 0.08 -20.79 -14.94
CA GLU A 30 0.13 -20.83 -16.38
C GLU A 30 -1.30 -20.83 -16.87
N GLY A 31 -1.64 -19.89 -17.74
CA GLY A 31 -2.98 -19.77 -18.26
C GLY A 31 -3.03 -19.72 -19.77
N VAL A 32 -4.25 -19.67 -20.31
CA VAL A 32 -4.45 -19.53 -21.74
C VAL A 32 -5.37 -18.35 -22.01
N TRP A 33 -4.89 -17.39 -22.78
CA TRP A 33 -5.73 -16.30 -23.25
C TRP A 33 -6.50 -16.81 -24.45
N LYS A 34 -7.73 -17.27 -24.23
CA LYS A 34 -8.43 -18.13 -25.19
C LYS A 34 -8.54 -17.57 -26.62
N LYS A 35 -8.91 -16.31 -26.76
CA LYS A 35 -9.00 -15.65 -28.06
C LYS A 35 -7.83 -15.99 -28.98
N TYR A 36 -6.62 -15.76 -28.46
CA TYR A 36 -5.40 -15.90 -29.25
C TYR A 36 -4.72 -17.24 -29.05
N SER A 37 -5.33 -18.10 -28.24
CA SER A 37 -4.73 -19.40 -27.95
C SER A 37 -3.29 -19.20 -27.49
N LEU A 38 -3.10 -18.17 -26.67
CA LEU A 38 -1.77 -17.78 -26.22
C LEU A 38 -1.56 -18.17 -24.76
N THR A 39 -0.47 -18.90 -24.49
CA THR A 39 -0.09 -19.20 -23.12
C THR A 39 0.33 -17.89 -22.43
N VAL A 40 -0.16 -17.69 -21.21
CA VAL A 40 0.13 -16.46 -20.46
C VAL A 40 0.42 -16.80 -19.02
N ALA A 41 1.06 -15.87 -18.31
CA ALA A 41 1.18 -15.98 -16.87
C ALA A 41 0.03 -15.24 -16.22
N VAL A 42 -0.55 -15.84 -15.20
CA VAL A 42 -1.63 -15.18 -14.48
C VAL A 42 -1.35 -15.12 -12.98
N LYS A 43 -1.49 -13.93 -12.42
CA LYS A 43 -1.39 -13.79 -10.99
C LYS A 43 -2.74 -13.35 -10.45
N THR A 44 -3.28 -14.14 -9.54
CA THR A 44 -4.59 -13.85 -8.95
C THR A 44 -4.42 -13.38 -7.51
N LEU A 45 -5.02 -12.23 -7.20
CA LEU A 45 -4.90 -11.66 -5.86
C LEU A 45 -6.20 -11.70 -5.10
N LYS A 46 -6.29 -12.57 -4.10
CA LYS A 46 -7.46 -12.58 -3.21
C LYS A 46 -7.43 -11.35 -2.29
N GLU A 47 -8.58 -10.99 -1.73
CA GLU A 47 -8.60 -9.86 -0.80
C GLU A 47 -7.91 -10.25 0.51
N ASP A 48 -7.42 -9.25 1.22
CA ASP A 48 -6.68 -9.48 2.46
C ASP A 48 -5.30 -10.07 2.15
N THR A 49 -4.89 -10.03 0.89
CA THR A 49 -3.54 -10.41 0.52
C THR A 49 -2.80 -9.20 -0.03
N MET A 50 -3.50 -8.08 -0.14
CA MET A 50 -2.90 -6.85 -0.62
C MET A 50 -3.87 -5.69 -0.40
N GLU A 51 -3.35 -4.46 -0.39
CA GLU A 51 -4.22 -3.31 -0.21
C GLU A 51 -4.61 -2.87 -1.61
N VAL A 52 -5.91 -2.75 -1.83
CA VAL A 52 -6.47 -2.52 -3.15
C VAL A 52 -5.92 -1.29 -3.88
N GLU A 53 -5.86 -0.16 -3.18
CA GLU A 53 -5.48 1.08 -3.84
C GLU A 53 -4.02 1.04 -4.34
N GLU A 54 -3.15 0.37 -3.58
CA GLU A 54 -1.74 0.25 -3.95
C GLU A 54 -1.55 -0.75 -5.08
N PHE A 55 -2.32 -1.83 -5.05
CA PHE A 55 -2.34 -2.78 -6.16
C PHE A 55 -2.70 -2.09 -7.48
N LEU A 56 -3.69 -1.21 -7.44
CA LEU A 56 -4.15 -0.55 -8.65
C LEU A 56 -3.06 0.38 -9.17
N LYS A 57 -2.29 0.97 -8.26
CA LYS A 57 -1.18 1.86 -8.68
C LYS A 57 -0.07 1.04 -9.30
N GLU A 58 0.22 -0.12 -8.72
CA GLU A 58 1.20 -1.02 -9.29
C GLU A 58 0.75 -1.50 -10.68
N ALA A 59 -0.53 -1.80 -10.83
CA ALA A 59 -1.07 -2.16 -12.15
C ALA A 59 -1.00 -1.00 -13.11
N ALA A 60 -1.32 0.20 -12.63
CA ALA A 60 -1.27 1.39 -13.48
C ALA A 60 0.14 1.60 -13.99
N VAL A 61 1.14 1.33 -13.13
CA VAL A 61 2.54 1.45 -13.52
C VAL A 61 2.98 0.44 -14.59
N MET A 62 2.60 -0.82 -14.44
CA MET A 62 2.96 -1.83 -15.43
C MET A 62 2.48 -1.43 -16.83
N LYS A 63 1.29 -0.84 -16.89
CA LYS A 63 0.68 -0.41 -18.14
C LYS A 63 1.59 0.53 -18.96
N GLU A 64 2.49 1.25 -18.27
CA GLU A 64 3.39 2.20 -18.93
C GLU A 64 4.74 1.61 -19.29
N ILE A 65 5.00 0.39 -18.85
CA ILE A 65 6.28 -0.24 -19.11
C ILE A 65 6.30 -0.94 -20.47
N LYS A 66 7.17 -0.47 -21.36
CA LYS A 66 7.43 -1.21 -22.59
C LYS A 66 8.95 -1.31 -22.81
N HIS A 67 9.51 -2.48 -22.52
CA HIS A 67 10.91 -2.73 -22.75
C HIS A 67 11.15 -4.22 -22.98
N PRO A 68 12.09 -4.56 -23.87
CA PRO A 68 12.28 -5.97 -24.22
C PRO A 68 12.70 -6.84 -23.04
N ASN A 69 13.26 -6.23 -22.00
CA ASN A 69 13.70 -7.02 -20.85
C ASN A 69 12.91 -6.75 -19.58
N LEU A 70 11.68 -6.26 -19.74
CA LEU A 70 10.77 -6.14 -18.60
C LEU A 70 9.50 -6.89 -18.95
N VAL A 71 9.03 -7.75 -18.04
CA VAL A 71 7.86 -8.56 -18.32
C VAL A 71 6.69 -7.70 -18.84
N GLN A 72 6.18 -8.04 -20.01
CA GLN A 72 5.12 -7.28 -20.68
C GLN A 72 3.73 -7.62 -20.13
N LEU A 73 3.05 -6.61 -19.61
CA LEU A 73 1.63 -6.71 -19.24
C LEU A 73 0.73 -6.99 -20.44
N LEU A 74 -0.20 -7.91 -20.27
CA LEU A 74 -1.11 -8.25 -21.35
C LEU A 74 -2.53 -7.80 -21.05
N GLY A 75 -2.90 -7.81 -19.77
CA GLY A 75 -4.21 -7.36 -19.33
C GLY A 75 -4.35 -7.47 -17.82
N VAL A 76 -5.47 -6.96 -17.31
CA VAL A 76 -5.75 -7.01 -15.87
C VAL A 76 -7.25 -7.19 -15.65
N CYS A 77 -7.63 -7.81 -14.54
CA CYS A 77 -9.03 -7.78 -14.10
C CYS A 77 -9.07 -7.12 -12.73
N THR A 78 -9.65 -5.93 -12.69
CA THR A 78 -9.50 -5.10 -11.50
C THR A 78 -10.83 -4.60 -10.92
N ARG A 79 -11.93 -5.23 -11.30
CA ARG A 79 -13.23 -4.88 -10.71
C ARG A 79 -13.50 -5.65 -9.43
N GLU A 80 -13.96 -6.90 -9.54
CA GLU A 80 -14.28 -7.69 -8.36
C GLU A 80 -13.19 -8.73 -8.06
N PRO A 81 -12.68 -8.73 -6.81
CA PRO A 81 -11.73 -9.75 -6.36
C PRO A 81 -12.25 -11.17 -6.57
N PRO A 82 -11.36 -12.12 -6.89
CA PRO A 82 -9.91 -11.92 -6.98
C PRO A 82 -9.47 -11.10 -8.20
N PHE A 83 -8.43 -10.27 -8.02
CA PHE A 83 -7.84 -9.52 -9.13
C PHE A 83 -6.91 -10.39 -9.98
N TYR A 84 -6.83 -10.11 -11.28
CA TYR A 84 -5.91 -10.83 -12.17
C TYR A 84 -4.88 -9.87 -12.72
N ILE A 85 -3.63 -10.32 -12.78
CA ILE A 85 -2.63 -9.64 -13.58
C ILE A 85 -2.14 -10.66 -14.60
N ILE A 86 -2.21 -10.28 -15.86
CA ILE A 86 -1.88 -11.18 -16.95
C ILE A 86 -0.69 -10.67 -17.73
N THR A 87 0.30 -11.52 -17.95
CA THR A 87 1.55 -11.12 -18.58
C THR A 87 2.01 -12.19 -19.56
N GLU A 88 2.98 -11.83 -20.41
CA GLU A 88 3.63 -12.78 -21.30
C GLU A 88 4.20 -13.96 -20.50
N PHE A 89 4.16 -15.16 -21.06
CA PHE A 89 4.66 -16.33 -20.35
C PHE A 89 6.17 -16.55 -20.63
N MET A 90 6.97 -16.55 -19.57
CA MET A 90 8.39 -16.91 -19.65
C MET A 90 8.55 -18.38 -19.34
N THR A 91 8.97 -19.14 -20.34
CA THR A 91 8.86 -20.59 -20.30
C THR A 91 9.66 -21.26 -19.19
N TYR A 92 10.85 -20.76 -18.90
CA TYR A 92 11.69 -21.46 -17.96
C TYR A 92 11.54 -21.03 -16.51
N GLY A 93 10.76 -19.99 -16.23
CA GLY A 93 10.59 -19.57 -14.84
C GLY A 93 11.79 -18.81 -14.26
N ASN A 94 11.93 -18.79 -12.93
CA ASN A 94 12.85 -17.81 -12.33
C ASN A 94 14.34 -18.12 -12.57
N LEU A 95 15.12 -17.06 -12.66
CA LEU A 95 16.54 -17.16 -13.01
C LEU A 95 17.37 -17.87 -11.95
N LEU A 96 16.92 -17.85 -10.70
CA LEU A 96 17.69 -18.50 -9.63
C LEU A 96 17.70 -20.01 -9.82
N ASP A 97 16.52 -20.63 -9.86
CA ASP A 97 16.47 -22.07 -10.15
C ASP A 97 17.12 -22.39 -11.49
N TYR A 98 16.99 -21.49 -12.48
CA TYR A 98 17.55 -21.75 -13.81
C TYR A 98 19.08 -21.88 -13.79
N LEU A 99 19.73 -20.92 -13.13
CA LEU A 99 21.18 -20.96 -12.92
C LEU A 99 21.60 -22.21 -12.17
N ARG A 100 20.79 -22.61 -11.19
CA ARG A 100 21.15 -23.74 -10.34
C ARG A 100 21.05 -25.07 -11.06
N GLU A 101 20.13 -25.14 -12.02
CA GLU A 101 19.76 -26.42 -12.60
C GLU A 101 20.32 -26.60 -13.99
N CYS A 102 21.04 -25.59 -14.50
CA CYS A 102 21.43 -25.57 -15.91
C CYS A 102 22.64 -26.44 -16.23
N ASN A 103 22.79 -26.70 -17.52
CA ASN A 103 24.00 -27.25 -18.13
C ASN A 103 25.00 -26.11 -18.36
N ARG A 104 26.09 -26.09 -17.60
CA ARG A 104 27.04 -24.96 -17.65
C ARG A 104 27.91 -24.96 -18.90
N GLN A 105 27.97 -26.08 -19.60
CA GLN A 105 28.59 -26.10 -20.93
C GLN A 105 27.74 -25.27 -21.89
N GLU A 106 26.44 -25.23 -21.65
CA GLU A 106 25.54 -24.43 -22.47
C GLU A 106 25.39 -23.03 -21.89
N VAL A 107 25.09 -22.94 -20.60
CA VAL A 107 24.99 -21.65 -19.94
C VAL A 107 26.38 -21.25 -19.47
N ASN A 108 27.23 -20.81 -20.40
CA ASN A 108 28.64 -20.54 -20.11
C ASN A 108 28.93 -19.07 -19.85
N ALA A 109 30.23 -18.75 -19.78
CA ALA A 109 30.68 -17.43 -19.37
C ALA A 109 30.03 -16.35 -20.22
N VAL A 110 29.90 -16.62 -21.52
CA VAL A 110 29.39 -15.62 -22.43
C VAL A 110 27.88 -15.46 -22.28
N VAL A 111 27.21 -16.54 -21.91
CA VAL A 111 25.77 -16.47 -21.65
C VAL A 111 25.51 -15.64 -20.38
N LEU A 112 26.37 -15.80 -19.38
CA LEU A 112 26.23 -15.06 -18.12
C LEU A 112 26.36 -13.54 -18.38
N LEU A 113 27.37 -13.16 -19.16
CA LEU A 113 27.48 -11.79 -19.67
C LEU A 113 26.20 -11.36 -20.39
N TYR A 114 25.72 -12.19 -21.29
CA TYR A 114 24.48 -11.90 -21.99
C TYR A 114 23.33 -11.60 -21.01
N MET A 115 23.20 -12.42 -19.97
CA MET A 115 22.10 -12.27 -19.02
C MET A 115 22.23 -10.99 -18.20
N ALA A 116 23.46 -10.66 -17.80
CA ALA A 116 23.72 -9.42 -17.05
C ALA A 116 23.46 -8.18 -17.90
N THR A 117 23.82 -8.29 -19.17
CA THR A 117 23.57 -7.22 -20.13
C THR A 117 22.07 -6.96 -20.30
N GLN A 118 21.28 -8.03 -20.40
CA GLN A 118 19.83 -7.90 -20.57
C GLN A 118 19.19 -7.23 -19.35
N ILE A 119 19.57 -7.70 -18.17
CA ILE A 119 19.04 -7.12 -16.95
C ILE A 119 19.41 -5.64 -16.75
N SER A 120 20.66 -5.29 -17.05
CA SER A 120 21.07 -3.88 -16.87
C SER A 120 20.33 -3.01 -17.88
N SER A 121 19.99 -3.59 -19.03
CA SER A 121 19.20 -2.90 -20.03
C SER A 121 17.84 -2.53 -19.46
N ALA A 122 17.18 -3.52 -18.86
CA ALA A 122 15.92 -3.28 -18.14
C ALA A 122 16.07 -2.15 -17.11
N MET A 123 17.13 -2.22 -16.30
CA MET A 123 17.29 -1.30 -15.19
C MET A 123 17.62 0.13 -15.67
N GLU A 124 18.42 0.23 -16.73
CA GLU A 124 18.65 1.50 -17.42
C GLU A 124 17.32 2.12 -17.87
N TYR A 125 16.41 1.30 -18.39
CA TYR A 125 15.09 1.77 -18.78
C TYR A 125 14.34 2.33 -17.56
N LEU A 126 14.34 1.60 -16.45
CA LEU A 126 13.65 2.06 -15.26
C LEU A 126 14.28 3.35 -14.73
N GLU A 127 15.60 3.41 -14.85
CA GLU A 127 16.34 4.58 -14.44
C GLU A 127 15.94 5.80 -15.27
N LYS A 128 15.89 5.61 -16.59
CA LYS A 128 15.42 6.66 -17.49
C LYS A 128 13.96 7.06 -17.19
N LYS A 129 13.11 6.13 -16.77
CA LYS A 129 11.68 6.40 -16.66
C LYS A 129 11.19 6.69 -15.24
N ASN A 130 12.11 6.97 -14.33
CA ASN A 130 11.73 7.36 -12.99
C ASN A 130 10.98 6.29 -12.20
N PHE A 131 11.40 5.05 -12.33
CA PHE A 131 10.85 4.00 -11.48
C PHE A 131 11.96 3.40 -10.63
N ILE A 132 11.58 2.82 -9.50
CA ILE A 132 12.47 1.92 -8.81
C ILE A 132 11.77 0.60 -8.62
N HIS A 133 12.56 -0.45 -8.74
CA HIS A 133 12.22 -1.82 -8.42
C HIS A 133 12.67 -1.84 -7.00
N ARG A 134 12.13 -2.61 -6.09
CA ARG A 134 12.89 -2.63 -4.81
C ARG A 134 13.28 -4.02 -4.38
N ASP A 135 13.21 -4.99 -5.28
CA ASP A 135 13.44 -6.36 -4.90
C ASP A 135 14.21 -7.04 -6.01
N LEU A 136 15.23 -6.35 -6.51
CA LEU A 136 16.02 -6.90 -7.59
C LEU A 136 16.87 -8.07 -7.07
N ALA A 137 16.71 -9.24 -7.69
CA ALA A 137 17.42 -10.46 -7.33
C ALA A 137 17.19 -11.52 -8.40
N ALA A 138 17.95 -12.61 -8.38
CA ALA A 138 17.82 -13.61 -9.44
C ALA A 138 16.44 -14.24 -9.40
N ARG A 139 15.89 -14.40 -8.19
CA ARG A 139 14.59 -15.02 -7.98
C ARG A 139 13.45 -14.19 -8.57
N ASN A 140 13.74 -12.94 -8.94
CA ASN A 140 12.69 -12.07 -9.50
C ASN A 140 12.97 -11.72 -10.95
N CYS A 141 13.83 -12.51 -11.58
CA CYS A 141 14.05 -12.45 -13.01
C CYS A 141 13.51 -13.73 -13.63
N LEU A 142 13.04 -13.63 -14.87
CA LEU A 142 12.41 -14.76 -15.55
C LEU A 142 13.15 -15.07 -16.82
N VAL A 143 13.16 -16.34 -17.17
CA VAL A 143 13.94 -16.81 -18.29
C VAL A 143 13.04 -17.47 -19.33
N GLY A 144 13.31 -17.14 -20.59
CA GLY A 144 12.59 -17.68 -21.73
C GLY A 144 13.56 -18.38 -22.66
N GLU A 145 13.07 -18.74 -23.84
CA GLU A 145 13.90 -19.43 -24.84
C GLU A 145 15.18 -18.68 -25.13
N ASN A 146 16.28 -19.42 -25.26
CA ASN A 146 17.54 -18.84 -25.69
C ASN A 146 18.14 -17.85 -24.72
N HIS A 147 17.90 -18.08 -23.44
CA HIS A 147 18.51 -17.30 -22.37
C HIS A 147 17.99 -15.87 -22.40
N LEU A 148 16.84 -15.66 -23.03
CA LEU A 148 16.16 -14.38 -22.89
C LEU A 148 15.80 -14.17 -21.41
N VAL A 149 16.10 -12.98 -20.89
CA VAL A 149 15.83 -12.69 -19.48
C VAL A 149 14.99 -11.43 -19.27
N LYS A 150 14.02 -11.48 -18.37
CA LYS A 150 13.22 -10.28 -18.13
C LYS A 150 13.08 -10.05 -16.64
N VAL A 151 13.18 -8.80 -16.22
CA VAL A 151 12.93 -8.44 -14.84
C VAL A 151 11.43 -8.36 -14.57
N ALA A 152 10.99 -9.02 -13.50
CA ALA A 152 9.59 -8.99 -13.11
C ALA A 152 9.27 -7.58 -12.66
N ASP A 153 8.17 -7.02 -13.15
CA ASP A 153 7.90 -5.61 -12.91
C ASP A 153 6.52 -5.32 -12.34
N PHE A 154 5.93 -6.28 -11.64
CA PHE A 154 4.60 -6.01 -11.12
C PHE A 154 4.73 -4.91 -10.06
N GLY A 155 5.39 -5.19 -8.95
CA GLY A 155 5.43 -4.17 -7.90
C GLY A 155 6.39 -2.97 -7.97
N LEU A 156 6.52 -2.31 -9.11
CA LEU A 156 7.38 -1.11 -9.24
C LEU A 156 6.82 0.13 -8.54
N SER A 157 7.68 1.12 -8.29
CA SER A 157 7.26 2.39 -7.66
C SER A 157 7.73 3.61 -8.45
N ARG A 158 6.86 4.61 -8.56
CA ARG A 158 7.21 5.91 -9.13
C ARG A 158 8.09 6.76 -8.20
N LEU A 159 9.31 7.07 -8.64
CA LEU A 159 10.22 7.93 -7.89
C LEU A 159 11.13 8.63 -8.88
N MET A 160 11.22 9.95 -8.79
CA MET A 160 12.10 10.70 -9.67
C MET A 160 13.50 10.18 -9.50
N THR A 161 14.17 9.85 -10.61
CA THR A 161 15.51 9.27 -10.55
C THR A 161 16.48 10.17 -9.79
N GLY A 162 17.08 9.63 -8.74
CA GLY A 162 18.00 10.41 -7.93
C GLY A 162 17.39 10.75 -6.59
N ASP A 163 16.06 10.80 -6.53
CA ASP A 163 15.37 11.05 -5.26
C ASP A 163 15.41 9.82 -4.35
N THR A 164 14.90 9.98 -3.15
CA THR A 164 14.92 8.94 -2.14
C THR A 164 13.50 8.59 -1.61
N TYR A 165 13.16 7.30 -1.61
CA TYR A 165 11.94 6.85 -0.93
C TYR A 165 12.24 6.35 0.47
N THR A 166 11.57 6.92 1.46
CA THR A 166 11.67 6.44 2.84
C THR A 166 10.50 5.53 3.21
N ALA A 167 10.77 4.22 3.27
CA ALA A 167 9.75 3.24 3.62
C ALA A 167 9.39 3.31 5.09
N HIS A 168 8.18 2.84 5.43
CA HIS A 168 7.72 2.86 6.82
C HIS A 168 8.54 1.92 7.67
N ALA A 169 8.70 2.26 8.95
CA ALA A 169 9.36 1.35 9.89
C ALA A 169 8.48 0.12 10.06
N GLY A 170 9.09 -1.00 10.43
CA GLY A 170 8.34 -2.24 10.50
C GLY A 170 8.31 -2.91 9.15
N ALA A 171 8.85 -2.23 8.14
CA ALA A 171 9.03 -2.83 6.83
C ALA A 171 10.15 -3.86 6.92
N LYS A 172 9.95 -5.00 6.28
CA LYS A 172 10.95 -6.04 6.27
C LYS A 172 11.55 -6.18 4.87
N PHE A 173 12.87 -6.37 4.83
CA PHE A 173 13.59 -6.44 3.57
C PHE A 173 14.26 -7.78 3.45
N PRO A 174 14.62 -8.17 2.21
CA PRO A 174 15.55 -9.29 1.99
C PRO A 174 16.98 -8.78 2.24
N ILE A 175 17.48 -9.03 3.44
CA ILE A 175 18.67 -8.35 3.97
C ILE A 175 19.88 -8.42 3.04
N LYS A 176 20.16 -9.60 2.51
CA LYS A 176 21.40 -9.81 1.76
C LYS A 176 21.45 -9.13 0.38
N TRP A 177 20.31 -8.60 -0.11
CA TRP A 177 20.29 -7.81 -1.35
C TRP A 177 20.15 -6.31 -1.05
N THR A 178 20.05 -5.97 0.23
CA THR A 178 19.61 -4.64 0.68
C THR A 178 20.77 -3.69 1.00
N ALA A 179 20.76 -2.50 0.38
CA ALA A 179 21.81 -1.52 0.55
C ALA A 179 21.89 -0.99 2.01
N PRO A 180 23.09 -0.49 2.40
CA PRO A 180 23.34 0.07 3.74
C PRO A 180 22.35 1.14 4.15
N GLU A 181 22.17 2.17 3.32
CA GLU A 181 21.23 3.24 3.67
C GLU A 181 19.81 2.66 3.84
N SER A 182 19.49 1.62 3.08
CA SER A 182 18.17 0.99 3.20
C SER A 182 18.03 0.19 4.49
N LEU A 183 19.01 -0.65 4.81
CA LEU A 183 18.98 -1.39 6.07
C LEU A 183 18.93 -0.48 7.31
N ALA A 184 19.65 0.64 7.27
CA ALA A 184 19.80 1.50 8.46
C ALA A 184 18.70 2.56 8.58
N TYR A 185 18.31 3.16 7.46
CA TYR A 185 17.39 4.30 7.45
C TYR A 185 16.14 4.11 6.58
N ASN A 186 15.93 2.90 6.05
CA ASN A 186 14.76 2.61 5.23
C ASN A 186 14.70 3.48 3.98
N LYS A 187 15.85 3.94 3.52
CA LYS A 187 15.92 4.81 2.35
C LYS A 187 16.22 4.00 1.10
N PHE A 188 15.36 4.14 0.10
CA PHE A 188 15.51 3.44 -1.17
C PHE A 188 15.60 4.42 -2.32
N SER A 189 16.33 4.05 -3.36
CA SER A 189 16.50 4.93 -4.51
C SER A 189 17.03 4.08 -5.63
N ILE A 190 17.20 4.67 -6.80
CA ILE A 190 17.79 3.96 -7.92
C ILE A 190 19.18 3.41 -7.55
N LYS A 191 19.91 4.09 -6.66
CA LYS A 191 21.25 3.65 -6.26
C LYS A 191 21.19 2.40 -5.35
N SER A 192 20.12 2.22 -4.58
CA SER A 192 19.94 0.98 -3.83
C SER A 192 19.59 -0.18 -4.78
N ASP A 193 18.93 0.11 -5.91
CA ASP A 193 18.74 -0.91 -6.93
C ASP A 193 20.07 -1.30 -7.54
N VAL A 194 20.95 -0.32 -7.72
CA VAL A 194 22.28 -0.60 -8.25
C VAL A 194 23.01 -1.53 -7.28
N TRP A 195 22.90 -1.26 -5.99
CA TRP A 195 23.51 -2.15 -4.98
C TRP A 195 22.97 -3.55 -5.17
N ALA A 196 21.64 -3.68 -5.24
CA ALA A 196 21.00 -5.00 -5.35
C ALA A 196 21.43 -5.72 -6.64
N PHE A 197 21.62 -4.96 -7.71
CA PHE A 197 22.11 -5.51 -8.97
C PHE A 197 23.47 -6.16 -8.80
N GLY A 198 24.34 -5.52 -8.01
CA GLY A 198 25.67 -6.03 -7.75
C GLY A 198 25.58 -7.43 -7.17
N VAL A 199 24.66 -7.62 -6.23
CA VAL A 199 24.43 -8.92 -5.62
C VAL A 199 23.87 -9.89 -6.67
N LEU A 200 22.93 -9.41 -7.50
CA LEU A 200 22.42 -10.20 -8.63
C LEU A 200 23.59 -10.66 -9.53
N LEU A 201 24.54 -9.78 -9.79
CA LEU A 201 25.75 -10.15 -10.54
C LEU A 201 26.47 -11.32 -9.87
N TRP A 202 26.67 -11.21 -8.56
CA TRP A 202 27.28 -12.29 -7.79
C TRP A 202 26.47 -13.59 -7.92
N GLU A 203 25.14 -13.51 -7.86
CA GLU A 203 24.33 -14.73 -8.01
C GLU A 203 24.54 -15.33 -9.39
N ILE A 204 24.60 -14.49 -10.41
CA ILE A 204 24.86 -14.98 -11.75
C ILE A 204 26.25 -15.62 -11.87
N ALA A 205 27.27 -14.90 -11.42
CA ALA A 205 28.66 -15.39 -11.48
C ALA A 205 28.85 -16.72 -10.76
N THR A 206 28.05 -16.99 -9.73
CA THR A 206 28.18 -18.22 -8.96
C THR A 206 27.13 -19.27 -9.33
N TYR A 207 26.34 -19.00 -10.37
CA TYR A 207 25.25 -19.89 -10.76
C TYR A 207 24.27 -20.15 -9.60
N GLY A 208 23.92 -19.08 -8.89
CA GLY A 208 22.85 -19.11 -7.91
C GLY A 208 23.21 -19.58 -6.52
N MET A 209 24.45 -19.35 -6.11
CA MET A 209 24.80 -19.56 -4.71
C MET A 209 24.10 -18.51 -3.85
N SER A 210 23.72 -18.88 -2.63
CA SER A 210 23.23 -17.94 -1.63
C SER A 210 24.31 -16.93 -1.26
N PRO A 211 23.96 -15.64 -1.21
CA PRO A 211 25.01 -14.65 -0.89
C PRO A 211 25.40 -14.62 0.60
N TYR A 212 26.54 -13.99 0.91
CA TYR A 212 27.14 -13.98 2.27
C TYR A 212 26.95 -15.31 2.98
N PRO A 213 27.45 -16.39 2.38
CA PRO A 213 27.15 -17.74 2.89
C PRO A 213 27.63 -17.96 4.32
N GLY A 214 26.72 -18.47 5.15
CA GLY A 214 27.03 -18.80 6.53
C GLY A 214 26.89 -17.61 7.46
N ILE A 215 26.83 -16.41 6.89
CA ILE A 215 26.84 -15.18 7.68
C ILE A 215 25.49 -14.88 8.30
N ASP A 216 25.46 -14.76 9.62
CA ASP A 216 24.23 -14.39 10.33
C ASP A 216 23.71 -13.03 9.85
N LEU A 217 22.43 -13.00 9.50
CA LEU A 217 21.83 -11.77 8.99
C LEU A 217 21.95 -10.61 9.96
N SER A 218 22.04 -10.91 11.26
CA SER A 218 22.12 -9.85 12.26
C SER A 218 23.44 -9.10 12.18
N GLN A 219 24.43 -9.69 11.49
CA GLN A 219 25.77 -9.13 11.46
C GLN A 219 26.14 -8.53 10.11
N VAL A 220 25.24 -8.63 9.14
CA VAL A 220 25.53 -8.15 7.80
C VAL A 220 25.78 -6.63 7.72
N TYR A 221 24.87 -5.83 8.28
CA TYR A 221 25.08 -4.38 8.28
C TYR A 221 26.43 -4.01 8.91
N GLU A 222 26.73 -4.58 10.07
CA GLU A 222 27.99 -4.26 10.76
C GLU A 222 29.20 -4.57 9.89
N LEU A 223 29.20 -5.75 9.28
CA LEU A 223 30.25 -6.11 8.32
C LEU A 223 30.39 -5.09 7.19
N LEU A 224 29.27 -4.70 6.60
CA LEU A 224 29.32 -3.80 5.46
C LEU A 224 29.88 -2.44 5.88
N GLU A 225 29.51 -1.96 7.06
CA GLU A 225 29.98 -0.64 7.42
C GLU A 225 31.49 -0.67 7.66
N LYS A 226 32.06 -1.86 7.86
CA LYS A 226 33.52 -2.00 7.94
C LYS A 226 34.15 -2.39 6.60
N ASP A 227 33.45 -2.13 5.51
CA ASP A 227 33.89 -2.47 4.16
C ASP A 227 34.20 -3.94 3.95
N TYR A 228 33.50 -4.83 4.64
CA TYR A 228 33.53 -6.22 4.19
C TYR A 228 32.68 -6.33 2.92
N ARG A 229 33.10 -7.17 1.98
CA ARG A 229 32.32 -7.42 0.78
C ARG A 229 32.57 -8.85 0.36
N MET A 230 31.58 -9.46 -0.29
CA MET A 230 31.76 -10.80 -0.83
C MET A 230 32.98 -10.88 -1.75
N GLU A 231 33.68 -11.98 -1.62
CA GLU A 231 34.88 -12.30 -2.39
C GLU A 231 34.53 -12.54 -3.85
N ARG A 232 35.52 -12.35 -4.72
CA ARG A 232 35.38 -12.60 -6.15
C ARG A 232 35.10 -14.08 -6.42
N PRO A 233 33.96 -14.38 -7.03
CA PRO A 233 33.58 -15.77 -7.33
C PRO A 233 34.59 -16.48 -8.21
N GLU A 234 34.81 -17.77 -7.97
CA GLU A 234 35.65 -18.57 -8.85
C GLU A 234 35.25 -18.43 -10.31
N GLY A 235 36.23 -18.16 -11.16
CA GLY A 235 36.01 -18.01 -12.59
C GLY A 235 35.54 -16.63 -13.01
N CYS A 236 35.22 -15.75 -12.06
CA CYS A 236 34.62 -14.47 -12.42
C CYS A 236 35.69 -13.53 -12.96
N PRO A 237 35.48 -13.00 -14.18
CA PRO A 237 36.43 -12.06 -14.77
C PRO A 237 36.64 -10.86 -13.87
N GLU A 238 37.85 -10.31 -13.84
CA GLU A 238 38.16 -9.23 -12.92
C GLU A 238 37.32 -7.98 -13.21
N LYS A 239 37.13 -7.65 -14.49
CA LYS A 239 36.31 -6.48 -14.85
C LYS A 239 34.90 -6.61 -14.27
N VAL A 240 34.36 -7.82 -14.26
CA VAL A 240 33.02 -8.03 -13.74
C VAL A 240 33.01 -7.85 -12.23
N TYR A 241 34.02 -8.38 -11.55
CA TYR A 241 34.12 -8.20 -10.10
C TYR A 241 34.26 -6.73 -9.79
N GLU A 242 35.02 -6.01 -10.61
CA GLU A 242 35.15 -4.56 -10.42
C GLU A 242 33.79 -3.88 -10.49
N LEU A 243 32.95 -4.33 -11.42
CA LEU A 243 31.58 -3.79 -11.50
C LEU A 243 30.81 -4.10 -10.23
N MET A 244 30.92 -5.34 -9.74
CA MET A 244 30.30 -5.72 -8.47
C MET A 244 30.67 -4.74 -7.39
N ARG A 245 31.97 -4.54 -7.23
CA ARG A 245 32.52 -3.69 -6.17
C ARG A 245 32.12 -2.25 -6.36
N ALA A 246 32.15 -1.76 -7.59
CA ALA A 246 31.63 -0.42 -7.85
C ALA A 246 30.15 -0.32 -7.41
N CYS A 247 29.35 -1.37 -7.63
CA CYS A 247 27.93 -1.36 -7.17
C CYS A 247 27.79 -1.37 -5.66
N TRP A 248 28.78 -1.90 -4.95
CA TRP A 248 28.68 -1.97 -3.49
C TRP A 248 29.47 -0.84 -2.77
N GLN A 249 29.67 0.29 -3.44
CA GLN A 249 30.21 1.46 -2.74
C GLN A 249 29.28 1.87 -1.59
N TRP A 250 29.88 2.24 -0.45
CA TRP A 250 29.09 2.67 0.70
C TRP A 250 28.27 3.90 0.38
N ASN A 251 28.91 4.84 -0.30
CA ASN A 251 28.27 6.08 -0.71
C ASN A 251 27.39 5.82 -1.92
N PRO A 252 26.07 5.98 -1.75
CA PRO A 252 25.15 5.75 -2.89
C PRO A 252 25.57 6.52 -4.15
N SER A 253 26.04 7.74 -3.99
CA SER A 253 26.38 8.56 -5.15
C SER A 253 27.69 8.13 -5.83
N ASP A 254 28.44 7.25 -5.18
CA ASP A 254 29.66 6.70 -5.76
C ASP A 254 29.39 5.49 -6.67
N ARG A 255 28.17 4.95 -6.62
CA ARG A 255 27.80 3.80 -7.44
C ARG A 255 27.53 4.29 -8.87
N PRO A 256 27.89 3.48 -9.85
CA PRO A 256 27.62 3.84 -11.25
C PRO A 256 26.12 3.88 -11.53
N SER A 257 25.72 4.55 -12.60
CA SER A 257 24.35 4.50 -13.06
C SER A 257 24.16 3.21 -13.82
N PHE A 258 22.89 2.82 -14.03
CA PHE A 258 22.61 1.65 -14.86
C PHE A 258 22.96 1.92 -16.32
N ALA A 259 22.86 3.18 -16.74
CA ALA A 259 23.27 3.52 -18.10
C ALA A 259 24.77 3.23 -18.30
N GLU A 260 25.58 3.54 -17.27
CA GLU A 260 27.01 3.23 -17.31
C GLU A 260 27.29 1.74 -17.16
N ILE A 261 26.55 1.09 -16.26
CA ILE A 261 26.68 -0.36 -16.08
C ILE A 261 26.38 -1.13 -17.39
N HIS A 262 25.23 -0.83 -18.01
CA HIS A 262 24.82 -1.51 -19.25
C HIS A 262 25.83 -1.35 -20.37
N GLN A 263 26.33 -0.12 -20.57
CA GLN A 263 27.38 0.12 -21.55
C GLN A 263 28.60 -0.77 -21.29
N ALA A 264 29.06 -0.83 -20.04
CA ALA A 264 30.19 -1.68 -19.68
C ALA A 264 29.93 -3.13 -20.09
N PHE A 265 28.77 -3.67 -19.73
CA PHE A 265 28.44 -5.06 -20.09
C PHE A 265 28.24 -5.25 -21.59
N GLU A 266 27.67 -4.23 -22.24
CA GLU A 266 27.50 -4.26 -23.69
C GLU A 266 28.84 -4.56 -24.36
N THR A 267 29.83 -3.74 -24.04
CA THR A 267 31.18 -3.93 -24.53
C THR A 267 31.72 -5.34 -24.31
N MET A 268 31.74 -5.77 -23.05
CA MET A 268 32.25 -7.09 -22.70
C MET A 268 31.55 -8.19 -23.50
N PHE A 269 30.22 -8.11 -23.61
CA PHE A 269 29.44 -9.15 -24.29
C PHE A 269 29.78 -9.20 -25.77
N GLN A 270 29.81 -8.03 -26.42
CA GLN A 270 30.11 -8.00 -27.85
C GLN A 270 31.56 -8.42 -28.11
N GLU A 271 32.45 -8.09 -27.16
CA GLU A 271 33.85 -8.50 -27.24
C GLU A 271 34.03 -10.00 -27.03
N SER A 272 33.34 -10.55 -26.03
CA SER A 272 33.37 -11.98 -25.74
C SER A 272 32.85 -12.83 -26.91
N SER A 273 32.11 -12.20 -27.82
CA SER A 273 31.61 -12.88 -29.02
C SER A 273 32.67 -12.85 -30.12
N LYS B 6 -24.86 -15.83 15.45
CA LYS B 6 -23.63 -16.46 14.98
C LYS B 6 -22.39 -15.64 15.36
N TRP B 7 -22.59 -14.33 15.55
CA TRP B 7 -21.49 -13.44 15.93
C TRP B 7 -21.16 -13.56 17.41
N GLU B 8 -22.08 -14.13 18.19
CA GLU B 8 -21.92 -14.22 19.64
C GLU B 8 -20.79 -15.16 20.04
N MET B 9 -20.07 -14.78 21.10
CA MET B 9 -18.98 -15.61 21.59
C MET B 9 -18.82 -15.45 23.11
N GLU B 10 -17.98 -16.29 23.71
CA GLU B 10 -17.84 -16.33 25.17
C GLU B 10 -16.92 -15.24 25.69
N ARG B 11 -17.44 -14.45 26.63
CA ARG B 11 -16.69 -13.39 27.30
C ARG B 11 -15.39 -13.92 27.93
N THR B 12 -15.39 -15.21 28.25
CA THR B 12 -14.25 -15.86 28.86
C THR B 12 -13.22 -16.29 27.83
N ASP B 13 -13.37 -15.82 26.59
CA ASP B 13 -12.45 -16.16 25.51
C ASP B 13 -11.43 -15.04 25.28
N ILE B 14 -11.77 -13.84 25.73
CA ILE B 14 -10.88 -12.68 25.58
C ILE B 14 -10.30 -12.25 26.92
N THR B 15 -8.98 -12.05 26.96
CA THR B 15 -8.32 -11.57 28.17
C THR B 15 -8.00 -10.08 28.04
N MET B 16 -8.72 -9.25 28.80
CA MET B 16 -8.55 -7.80 28.76
C MET B 16 -7.18 -7.37 29.28
N LYS B 17 -6.36 -6.80 28.41
CA LYS B 17 -4.98 -6.47 28.75
C LYS B 17 -4.83 -5.07 29.39
N HIS B 18 -5.56 -4.09 28.87
CA HIS B 18 -5.51 -2.73 29.40
C HIS B 18 -6.44 -1.81 28.59
N LYS B 19 -6.79 -0.66 29.16
CA LYS B 19 -7.69 0.24 28.47
C LYS B 19 -6.97 0.98 27.33
N LEU B 20 -7.74 1.50 26.38
CA LEU B 20 -7.22 2.16 25.19
C LEU B 20 -7.64 3.63 25.09
N GLY B 21 -6.78 4.43 24.44
CA GLY B 21 -7.17 5.75 23.98
C GLY B 21 -7.29 6.84 25.02
N GLY B 22 -6.56 6.70 26.12
CA GLY B 22 -6.56 7.70 27.18
C GLY B 22 -7.94 8.10 27.62
N GLY B 23 -8.87 7.13 27.59
CA GLY B 23 -10.24 7.35 28.00
C GLY B 23 -11.04 8.24 27.07
N GLN B 24 -10.37 8.81 26.07
CA GLN B 24 -11.02 9.76 25.16
C GLN B 24 -12.01 9.07 24.24
N TYR B 25 -12.00 7.74 24.26
CA TYR B 25 -12.93 6.97 23.46
C TYR B 25 -13.87 6.14 24.32
N GLY B 26 -13.88 6.41 25.63
CA GLY B 26 -14.77 5.72 26.54
C GLY B 26 -14.35 4.30 26.87
N GLU B 27 -15.33 3.43 27.09
CA GLU B 27 -15.09 2.05 27.54
C GLU B 27 -14.51 1.12 26.48
N VAL B 28 -13.29 1.42 26.03
CA VAL B 28 -12.62 0.54 25.08
C VAL B 28 -11.27 0.12 25.64
N TYR B 29 -10.98 -1.16 25.53
CA TYR B 29 -9.74 -1.70 26.05
C TYR B 29 -9.11 -2.63 25.01
N GLU B 30 -7.79 -2.76 25.07
CA GLU B 30 -7.06 -3.73 24.25
C GLU B 30 -7.32 -5.12 24.81
N GLY B 31 -7.01 -6.16 24.05
CA GLY B 31 -7.22 -7.51 24.53
C GLY B 31 -6.70 -8.61 23.62
N VAL B 32 -6.89 -9.84 24.05
CA VAL B 32 -6.45 -11.00 23.28
C VAL B 32 -7.56 -12.05 23.15
N TRP B 33 -7.87 -12.45 21.91
CA TRP B 33 -8.73 -13.59 21.71
C TRP B 33 -7.88 -14.84 21.90
N LYS B 34 -7.79 -15.26 23.17
CA LYS B 34 -6.87 -16.32 23.62
C LYS B 34 -6.73 -17.50 22.66
N LYS B 35 -7.87 -17.93 22.13
CA LYS B 35 -7.93 -19.05 21.20
C LYS B 35 -6.93 -18.93 20.04
N TYR B 36 -6.64 -17.71 19.61
CA TYR B 36 -5.82 -17.46 18.43
C TYR B 36 -4.58 -16.61 18.69
N SER B 37 -4.35 -16.24 19.94
CA SER B 37 -3.25 -15.35 20.28
C SER B 37 -3.30 -14.07 19.44
N LEU B 38 -4.51 -13.68 19.03
CA LEU B 38 -4.72 -12.46 18.25
C LEU B 38 -5.13 -11.29 19.13
N THR B 39 -4.51 -10.14 18.90
CA THR B 39 -4.88 -8.93 19.61
C THR B 39 -6.15 -8.34 19.00
N VAL B 40 -6.99 -7.78 19.85
CA VAL B 40 -8.28 -7.23 19.43
C VAL B 40 -8.62 -6.02 20.29
N ALA B 41 -9.54 -5.20 19.79
CA ALA B 41 -10.07 -4.11 20.59
C ALA B 41 -11.44 -4.52 21.10
N VAL B 42 -11.75 -4.14 22.33
CA VAL B 42 -13.02 -4.52 22.95
C VAL B 42 -13.74 -3.27 23.46
N LYS B 43 -14.97 -3.06 23.01
CA LYS B 43 -15.80 -1.98 23.53
C LYS B 43 -16.92 -2.54 24.40
N THR B 44 -17.10 -1.97 25.59
CA THR B 44 -18.05 -2.51 26.57
C THR B 44 -19.18 -1.55 26.96
N LEU B 45 -20.18 -2.08 27.67
CA LEU B 45 -21.29 -1.28 28.22
C LEU B 45 -21.66 -1.78 29.62
N LYS B 46 -21.83 -0.85 30.56
CA LYS B 46 -22.12 -1.18 31.96
C LYS B 46 -23.59 -1.54 32.21
N GLU B 47 -23.84 -2.27 33.30
CA GLU B 47 -25.15 -2.81 33.62
C GLU B 47 -26.20 -1.72 33.85
N ASP B 48 -25.75 -0.55 34.32
CA ASP B 48 -26.68 0.53 34.66
C ASP B 48 -26.63 1.66 33.62
N THR B 49 -27.30 1.44 32.49
CA THR B 49 -27.36 2.44 31.43
C THR B 49 -28.66 2.36 30.63
N MET B 50 -29.14 3.51 30.19
CA MET B 50 -30.21 3.58 29.23
C MET B 50 -29.65 3.61 27.81
N GLU B 51 -28.48 3.02 27.62
CA GLU B 51 -27.80 3.01 26.32
C GLU B 51 -27.86 1.65 25.65
N VAL B 52 -28.52 0.69 26.30
CA VAL B 52 -28.52 -0.69 25.83
C VAL B 52 -29.10 -0.87 24.44
N GLU B 53 -30.09 -0.05 24.06
CA GLU B 53 -30.66 -0.16 22.73
C GLU B 53 -29.70 0.33 21.65
N GLU B 54 -29.07 1.47 21.87
CA GLU B 54 -28.18 2.07 20.88
C GLU B 54 -26.95 1.19 20.70
N PHE B 55 -26.50 0.59 21.78
CA PHE B 55 -25.38 -0.35 21.75
C PHE B 55 -25.72 -1.57 20.90
N LEU B 56 -26.91 -2.12 21.09
CA LEU B 56 -27.31 -3.33 20.37
C LEU B 56 -27.57 -3.06 18.90
N LYS B 57 -27.97 -1.84 18.55
CA LYS B 57 -28.21 -1.49 17.16
C LYS B 57 -26.90 -1.11 16.48
N GLU B 58 -25.99 -0.52 17.26
CA GLU B 58 -24.63 -0.21 16.78
C GLU B 58 -23.94 -1.50 16.36
N ALA B 59 -24.02 -2.51 17.21
CA ALA B 59 -23.40 -3.80 16.92
C ALA B 59 -24.07 -4.54 15.77
N ALA B 60 -25.35 -4.28 15.56
CA ALA B 60 -26.11 -4.93 14.48
C ALA B 60 -25.66 -4.41 13.12
N VAL B 61 -25.50 -3.10 13.01
CA VAL B 61 -24.95 -2.49 11.80
C VAL B 61 -23.55 -3.01 11.43
N MET B 62 -22.67 -3.14 12.42
CA MET B 62 -21.31 -3.61 12.17
C MET B 62 -21.26 -5.02 11.55
N LYS B 63 -22.21 -5.87 11.93
CA LYS B 63 -22.31 -7.20 11.37
C LYS B 63 -22.51 -7.16 9.86
N GLU B 64 -23.06 -6.06 9.37
CA GLU B 64 -23.39 -5.90 7.96
C GLU B 64 -22.28 -5.21 7.14
N ILE B 65 -21.49 -4.38 7.79
CA ILE B 65 -20.43 -3.66 7.08
C ILE B 65 -19.25 -4.60 6.85
N LYS B 66 -18.77 -4.67 5.61
CA LYS B 66 -17.54 -5.41 5.31
C LYS B 66 -16.71 -4.77 4.17
N HIS B 67 -15.60 -4.13 4.54
CA HIS B 67 -14.78 -3.35 3.60
C HIS B 67 -13.38 -3.20 4.20
N PRO B 68 -12.35 -3.19 3.35
CA PRO B 68 -10.97 -3.18 3.87
C PRO B 68 -10.61 -1.90 4.64
N ASN B 69 -11.36 -0.82 4.45
CA ASN B 69 -11.02 0.42 5.14
C ASN B 69 -12.10 0.86 6.14
N LEU B 70 -12.87 -0.12 6.59
CA LEU B 70 -13.78 0.05 7.72
C LEU B 70 -13.38 -0.97 8.77
N VAL B 71 -13.18 -0.52 10.00
CA VAL B 71 -12.88 -1.40 11.13
C VAL B 71 -13.74 -2.65 11.12
N GLN B 72 -13.10 -3.82 11.09
CA GLN B 72 -13.85 -5.06 10.92
C GLN B 72 -14.30 -5.63 12.27
N LEU B 73 -15.58 -6.02 12.33
CA LEU B 73 -16.16 -6.65 13.51
C LEU B 73 -15.71 -8.11 13.62
N LEU B 74 -15.46 -8.55 14.85
CA LEU B 74 -14.98 -9.89 15.09
C LEU B 74 -16.01 -10.71 15.87
N GLY B 75 -16.62 -10.10 16.88
CA GLY B 75 -17.63 -10.77 17.66
C GLY B 75 -18.36 -9.84 18.61
N VAL B 76 -19.51 -10.29 19.10
CA VAL B 76 -20.28 -9.54 20.09
C VAL B 76 -20.56 -10.43 21.30
N CYS B 77 -20.79 -9.81 22.46
CA CYS B 77 -21.17 -10.53 23.68
C CYS B 77 -22.37 -9.86 24.31
N THR B 78 -23.56 -10.20 23.83
CA THR B 78 -24.76 -9.47 24.19
C THR B 78 -25.88 -10.37 24.76
N ARG B 79 -25.49 -11.46 25.41
CA ARG B 79 -26.44 -12.35 26.07
C ARG B 79 -26.55 -12.02 27.56
N GLU B 80 -25.55 -11.31 28.07
CA GLU B 80 -25.53 -10.90 29.47
C GLU B 80 -24.50 -9.79 29.64
N PRO B 81 -24.90 -8.69 30.31
CA PRO B 81 -23.96 -7.61 30.61
C PRO B 81 -22.78 -8.08 31.47
N PRO B 82 -21.60 -7.46 31.32
CA PRO B 82 -21.33 -6.34 30.41
C PRO B 82 -21.30 -6.78 28.93
N PHE B 83 -21.95 -6.00 28.06
CA PHE B 83 -22.00 -6.32 26.65
C PHE B 83 -20.70 -5.91 25.94
N TYR B 84 -20.14 -6.81 25.14
CA TYR B 84 -18.85 -6.56 24.49
C TYR B 84 -18.91 -6.56 22.97
N ILE B 85 -18.39 -5.49 22.36
CA ILE B 85 -18.18 -5.43 20.92
C ILE B 85 -16.69 -5.62 20.63
N ILE B 86 -16.37 -6.59 19.77
CA ILE B 86 -14.99 -6.96 19.52
C ILE B 86 -14.59 -6.80 18.04
N THR B 87 -13.46 -6.16 17.80
CA THR B 87 -13.03 -5.81 16.44
C THR B 87 -11.54 -6.05 16.22
N GLU B 88 -11.11 -6.13 14.97
CA GLU B 88 -9.68 -6.23 14.65
C GLU B 88 -8.90 -5.11 15.33
N PHE B 89 -7.61 -5.33 15.53
CA PHE B 89 -6.79 -4.34 16.21
C PHE B 89 -5.88 -3.59 15.23
N MET B 90 -5.98 -2.27 15.26
CA MET B 90 -5.09 -1.43 14.46
C MET B 90 -3.91 -0.99 15.33
N THR B 91 -2.72 -1.44 14.97
CA THR B 91 -1.52 -1.29 15.80
C THR B 91 -1.20 0.16 16.20
N TYR B 92 -1.39 1.11 15.29
CA TYR B 92 -0.93 2.48 15.49
C TYR B 92 -1.96 3.44 16.08
N GLY B 93 -3.21 3.01 16.17
CA GLY B 93 -4.23 3.84 16.80
C GLY B 93 -4.77 4.94 15.92
N ASN B 94 -5.32 5.99 16.55
CA ASN B 94 -6.08 7.02 15.82
C ASN B 94 -5.25 7.89 14.87
N LEU B 95 -5.84 8.22 13.73
CA LEU B 95 -5.14 8.91 12.67
C LEU B 95 -4.67 10.30 13.09
N LEU B 96 -5.38 10.94 14.03
CA LEU B 96 -5.04 12.32 14.42
C LEU B 96 -3.69 12.40 15.13
N ASP B 97 -3.51 11.55 16.14
CA ASP B 97 -2.24 11.48 16.86
C ASP B 97 -1.13 10.97 15.94
N TYR B 98 -1.48 10.04 15.06
CA TYR B 98 -0.51 9.47 14.13
C TYR B 98 0.14 10.56 13.27
N LEU B 99 -0.68 11.45 12.73
CA LEU B 99 -0.17 12.53 11.91
C LEU B 99 0.65 13.54 12.72
N ARG B 100 0.27 13.72 13.98
CA ARG B 100 0.96 14.70 14.82
C ARG B 100 2.36 14.23 15.21
N GLU B 101 2.55 12.92 15.27
CA GLU B 101 3.77 12.33 15.81
C GLU B 101 4.69 11.71 14.76
N CYS B 102 4.17 11.61 13.53
CA CYS B 102 4.82 10.82 12.50
C CYS B 102 6.07 11.48 11.93
N ASN B 103 6.90 10.68 11.27
CA ASN B 103 8.02 11.19 10.51
C ASN B 103 7.52 11.63 9.13
N ARG B 104 7.60 12.92 8.84
CA ARG B 104 6.99 13.45 7.62
C ARG B 104 7.79 13.12 6.38
N GLN B 105 8.98 12.53 6.57
CA GLN B 105 9.80 12.08 5.46
C GLN B 105 9.23 10.77 4.94
N GLU B 106 8.69 9.99 5.88
CA GLU B 106 8.05 8.72 5.58
C GLU B 106 6.60 8.98 5.17
N VAL B 107 5.88 9.69 6.03
CA VAL B 107 4.52 10.12 5.71
C VAL B 107 4.55 11.45 4.97
N ASN B 108 4.97 11.41 3.70
CA ASN B 108 5.06 12.60 2.88
C ASN B 108 3.80 12.77 2.03
N ALA B 109 3.85 13.66 1.04
CA ALA B 109 2.66 14.07 0.31
C ALA B 109 1.92 12.88 -0.31
N VAL B 110 2.67 11.97 -0.91
CA VAL B 110 2.04 10.88 -1.64
C VAL B 110 1.32 9.97 -0.66
N VAL B 111 1.82 9.91 0.57
CA VAL B 111 1.22 9.05 1.59
C VAL B 111 -0.03 9.69 2.18
N LEU B 112 -0.04 11.01 2.28
CA LEU B 112 -1.25 11.72 2.70
C LEU B 112 -2.37 11.45 1.68
N LEU B 113 -1.98 11.42 0.42
CA LEU B 113 -2.89 11.19 -0.69
C LEU B 113 -3.42 9.75 -0.65
N TYR B 114 -2.54 8.82 -0.32
CA TYR B 114 -2.88 7.41 -0.18
C TYR B 114 -3.97 7.19 0.88
N MET B 115 -3.80 7.85 2.03
CA MET B 115 -4.75 7.68 3.13
C MET B 115 -6.10 8.29 2.78
N ALA B 116 -6.09 9.46 2.16
CA ALA B 116 -7.33 10.08 1.70
C ALA B 116 -8.05 9.13 0.73
N THR B 117 -7.29 8.54 -0.18
CA THR B 117 -7.85 7.61 -1.14
C THR B 117 -8.48 6.39 -0.45
N GLN B 118 -7.84 5.86 0.59
CA GLN B 118 -8.42 4.71 1.31
C GLN B 118 -9.71 5.11 2.00
N ILE B 119 -9.68 6.26 2.67
CA ILE B 119 -10.84 6.69 3.44
C ILE B 119 -12.02 6.96 2.51
N SER B 120 -11.78 7.53 1.34
CA SER B 120 -12.85 7.80 0.39
C SER B 120 -13.41 6.49 -0.17
N SER B 121 -12.60 5.45 -0.22
CA SER B 121 -13.11 4.16 -0.66
C SER B 121 -14.14 3.62 0.34
N ALA B 122 -13.85 3.76 1.62
CA ALA B 122 -14.77 3.34 2.65
C ALA B 122 -16.07 4.13 2.56
N MET B 123 -15.96 5.42 2.27
CA MET B 123 -17.14 6.27 2.31
C MET B 123 -17.99 6.04 1.08
N GLU B 124 -17.38 5.69 -0.04
CA GLU B 124 -18.15 5.33 -1.23
C GLU B 124 -18.96 4.05 -0.99
N TYR B 125 -18.35 3.10 -0.28
CA TYR B 125 -19.02 1.87 0.11
C TYR B 125 -20.24 2.20 0.97
N LEU B 126 -20.05 3.02 2.01
CA LEU B 126 -21.15 3.42 2.88
C LEU B 126 -22.25 4.16 2.14
N GLU B 127 -21.86 5.02 1.21
CA GLU B 127 -22.80 5.76 0.37
C GLU B 127 -23.71 4.79 -0.38
N LYS B 128 -23.10 3.76 -0.98
CA LYS B 128 -23.85 2.76 -1.74
C LYS B 128 -24.83 2.01 -0.86
N LYS B 129 -24.39 1.56 0.31
CA LYS B 129 -25.23 0.79 1.22
C LYS B 129 -26.23 1.68 1.97
N ASN B 130 -26.27 2.97 1.63
CA ASN B 130 -27.19 3.94 2.25
C ASN B 130 -26.99 4.15 3.75
N PHE B 131 -25.76 4.04 4.22
CA PHE B 131 -25.44 4.37 5.59
C PHE B 131 -24.82 5.76 5.66
N ILE B 132 -24.93 6.41 6.81
CA ILE B 132 -24.23 7.65 7.03
C ILE B 132 -23.42 7.46 8.30
N HIS B 133 -22.33 8.20 8.40
CA HIS B 133 -21.40 8.02 9.50
C HIS B 133 -21.74 8.99 10.64
N ARG B 134 -21.84 10.27 10.30
CA ARG B 134 -22.21 11.36 11.23
C ARG B 134 -21.11 11.85 12.18
N ASP B 135 -19.93 11.23 12.15
CA ASP B 135 -18.82 11.69 13.00
C ASP B 135 -17.45 11.45 12.33
N LEU B 136 -17.36 11.76 11.04
CA LEU B 136 -16.13 11.54 10.28
C LEU B 136 -15.07 12.59 10.66
N ALA B 137 -13.90 12.11 11.09
CA ALA B 137 -12.83 12.98 11.56
C ALA B 137 -11.57 12.17 11.76
N ALA B 138 -10.42 12.81 11.71
CA ALA B 138 -9.14 12.11 11.85
C ALA B 138 -9.07 11.30 13.13
N ARG B 139 -9.67 11.85 14.19
CA ARG B 139 -9.64 11.20 15.50
C ARG B 139 -10.37 9.86 15.44
N ASN B 140 -11.22 9.70 14.43
CA ASN B 140 -12.05 8.51 14.30
C ASN B 140 -11.61 7.55 13.20
N CYS B 141 -10.39 7.77 12.69
CA CYS B 141 -9.78 6.82 11.77
C CYS B 141 -8.61 6.14 12.46
N LEU B 142 -8.35 4.90 12.08
CA LEU B 142 -7.32 4.10 12.72
C LEU B 142 -6.23 3.72 11.73
N VAL B 143 -4.99 3.70 12.20
CA VAL B 143 -3.85 3.39 11.33
C VAL B 143 -3.22 2.04 11.63
N GLY B 144 -2.87 1.30 10.58
CA GLY B 144 -2.20 0.02 10.72
C GLY B 144 -0.84 -0.01 10.06
N GLU B 145 -0.25 -1.19 9.93
CA GLU B 145 1.04 -1.30 9.25
C GLU B 145 0.94 -0.80 7.81
N ASN B 146 2.03 -0.22 7.32
CA ASN B 146 2.14 0.27 5.94
C ASN B 146 1.04 1.27 5.52
N HIS B 147 0.71 2.16 6.44
CA HIS B 147 -0.17 3.30 6.17
C HIS B 147 -1.58 2.89 5.75
N LEU B 148 -1.98 1.68 6.14
CA LEU B 148 -3.35 1.25 5.99
C LEU B 148 -4.21 2.10 6.93
N VAL B 149 -5.35 2.59 6.43
CA VAL B 149 -6.24 3.39 7.24
C VAL B 149 -7.69 2.92 7.15
N LYS B 150 -8.35 2.83 8.30
CA LYS B 150 -9.74 2.39 8.36
C LYS B 150 -10.57 3.37 9.15
N VAL B 151 -11.81 3.55 8.72
CA VAL B 151 -12.75 4.37 9.45
C VAL B 151 -13.38 3.54 10.56
N ALA B 152 -13.39 4.05 11.79
CA ALA B 152 -14.07 3.35 12.89
C ALA B 152 -15.57 3.48 12.68
N ASP B 153 -16.26 2.35 12.69
CA ASP B 153 -17.65 2.30 12.22
C ASP B 153 -18.65 1.94 13.31
N PHE B 154 -18.47 2.57 14.46
CA PHE B 154 -19.40 2.49 15.59
C PHE B 154 -20.81 2.99 15.23
N GLY B 155 -21.18 4.12 15.80
CA GLY B 155 -22.50 4.69 15.61
C GLY B 155 -22.86 5.11 14.20
N LEU B 156 -22.61 4.25 13.23
CA LEU B 156 -23.15 4.45 11.88
C LEU B 156 -24.67 4.42 11.94
N SER B 157 -25.34 4.96 10.92
CA SER B 157 -26.80 4.92 10.88
C SER B 157 -27.32 4.44 9.55
N ARG B 158 -28.30 3.55 9.56
CA ARG B 158 -28.96 3.16 8.33
C ARG B 158 -29.96 4.23 7.96
N LEU B 159 -30.05 4.56 6.69
CA LEU B 159 -31.12 5.43 6.20
C LEU B 159 -32.26 4.55 5.75
N MET B 160 -33.18 4.27 6.68
CA MET B 160 -34.33 3.43 6.39
C MET B 160 -35.13 3.94 5.20
N THR B 161 -35.35 5.26 5.17
CA THR B 161 -36.03 5.90 4.05
C THR B 161 -35.39 7.24 3.78
N GLY B 162 -35.62 7.77 2.59
CA GLY B 162 -35.10 9.09 2.21
C GLY B 162 -33.58 9.13 2.24
N ASP B 163 -33.02 10.32 2.39
CA ASP B 163 -31.58 10.43 2.55
C ASP B 163 -31.20 11.39 3.65
N THR B 164 -32.19 11.90 4.36
CA THR B 164 -31.94 12.72 5.53
C THR B 164 -32.18 11.95 6.81
N TYR B 165 -31.14 11.83 7.63
CA TYR B 165 -31.24 11.24 8.96
C TYR B 165 -31.25 12.36 10.01
N THR B 166 -32.29 12.38 10.83
CA THR B 166 -32.47 13.46 11.81
C THR B 166 -31.96 13.06 13.19
N ALA B 167 -31.21 13.95 13.83
CA ALA B 167 -30.65 13.66 15.16
C ALA B 167 -31.71 13.66 16.27
N GLY B 170 -31.99 17.09 19.50
CA GLY B 170 -31.17 18.14 20.06
C GLY B 170 -29.90 17.63 20.72
N ALA B 171 -29.21 16.73 20.03
CA ALA B 171 -27.96 16.15 20.55
C ALA B 171 -26.79 17.10 20.37
N LYS B 172 -25.58 16.59 20.60
CA LYS B 172 -24.37 17.42 20.58
C LYS B 172 -23.49 17.15 19.37
N PHE B 173 -23.25 18.20 18.58
CA PHE B 173 -22.48 18.08 17.35
C PHE B 173 -21.04 18.55 17.54
N PRO B 174 -20.07 17.86 16.92
CA PRO B 174 -18.72 18.44 16.75
C PRO B 174 -18.75 19.51 15.67
N ILE B 175 -18.86 20.76 16.11
CA ILE B 175 -19.25 21.86 15.23
C ILE B 175 -18.30 22.05 14.06
N LYS B 176 -17.00 21.91 14.31
CA LYS B 176 -16.04 22.23 13.27
C LYS B 176 -16.03 21.20 12.15
N TRP B 177 -16.70 20.06 12.34
CA TRP B 177 -16.80 19.04 11.30
C TRP B 177 -18.23 18.94 10.73
N THR B 178 -19.12 19.80 11.21
CA THR B 178 -20.55 19.62 10.93
C THR B 178 -21.03 20.55 9.82
N ALA B 179 -21.66 19.97 8.80
CA ALA B 179 -22.18 20.77 7.69
C ALA B 179 -23.19 21.80 8.20
N PRO B 180 -23.28 22.94 7.49
CA PRO B 180 -24.19 24.06 7.76
C PRO B 180 -25.63 23.63 7.98
N GLU B 181 -26.15 22.76 7.10
CA GLU B 181 -27.56 22.38 7.20
C GLU B 181 -27.76 21.43 8.37
N SER B 182 -26.70 20.71 8.72
CA SER B 182 -26.75 19.86 9.91
C SER B 182 -26.73 20.71 11.17
N LEU B 183 -25.97 21.81 11.14
CA LEU B 183 -25.89 22.70 12.30
C LEU B 183 -27.22 23.36 12.53
N ALA B 184 -27.83 23.81 11.43
CA ALA B 184 -29.02 24.63 11.49
C ALA B 184 -30.33 23.83 11.67
N TYR B 185 -30.38 22.59 11.17
CA TYR B 185 -31.63 21.82 11.22
C TYR B 185 -31.51 20.40 11.79
N ASN B 186 -30.32 20.01 12.26
CA ASN B 186 -30.10 18.63 12.68
C ASN B 186 -30.30 17.56 11.58
N LYS B 187 -30.42 18.00 10.32
CA LYS B 187 -30.54 17.10 9.17
C LYS B 187 -29.18 16.57 8.70
N PHE B 188 -28.94 15.28 8.90
CA PHE B 188 -27.73 14.69 8.38
C PHE B 188 -27.98 13.87 7.11
N SER B 189 -26.94 13.65 6.34
CA SER B 189 -27.03 12.88 5.09
C SER B 189 -25.64 12.50 4.65
N ILE B 190 -25.55 11.80 3.52
CA ILE B 190 -24.23 11.45 3.00
C ILE B 190 -23.52 12.74 2.53
N LYS B 191 -24.28 13.75 2.07
CA LYS B 191 -23.67 15.04 1.69
C LYS B 191 -23.09 15.78 2.89
N SER B 192 -23.62 15.51 4.08
CA SER B 192 -23.10 16.12 5.30
C SER B 192 -21.83 15.36 5.68
N ASP B 193 -21.80 14.06 5.39
CA ASP B 193 -20.58 13.26 5.48
C ASP B 193 -19.51 13.72 4.48
N VAL B 194 -19.92 14.07 3.25
CA VAL B 194 -18.98 14.65 2.29
C VAL B 194 -18.31 15.91 2.90
N TRP B 195 -19.11 16.77 3.53
CA TRP B 195 -18.61 17.97 4.20
C TRP B 195 -17.56 17.64 5.26
N ALA B 196 -17.87 16.70 6.17
CA ALA B 196 -16.91 16.26 7.18
C ALA B 196 -15.63 15.72 6.53
N PHE B 197 -15.80 14.89 5.49
CA PHE B 197 -14.66 14.38 4.75
C PHE B 197 -13.71 15.51 4.33
N GLY B 198 -14.31 16.60 3.89
CA GLY B 198 -13.55 17.79 3.50
C GLY B 198 -12.69 18.31 4.64
N VAL B 199 -13.29 18.39 5.83
CA VAL B 199 -12.52 18.83 6.98
C VAL B 199 -11.44 17.80 7.33
N LEU B 200 -11.75 16.53 7.16
CA LEU B 200 -10.77 15.48 7.41
C LEU B 200 -9.58 15.62 6.45
N LEU B 201 -9.85 16.04 5.21
CA LEU B 201 -8.77 16.28 4.25
C LEU B 201 -7.83 17.34 4.79
N TRP B 202 -8.43 18.40 5.32
CA TRP B 202 -7.68 19.52 5.86
C TRP B 202 -6.83 19.04 7.05
N GLU B 203 -7.45 18.24 7.92
CA GLU B 203 -6.73 17.64 9.04
C GLU B 203 -5.51 16.88 8.55
N ILE B 204 -5.72 16.04 7.54
CA ILE B 204 -4.66 15.26 6.97
C ILE B 204 -3.59 16.16 6.37
N ALA B 205 -4.00 17.07 5.50
CA ALA B 205 -3.04 17.92 4.80
C ALA B 205 -2.17 18.73 5.74
N THR B 206 -2.67 19.02 6.94
CA THR B 206 -1.97 19.86 7.89
C THR B 206 -1.26 19.05 8.99
N TYR B 207 -1.11 17.76 8.78
CA TYR B 207 -0.58 16.83 9.78
C TYR B 207 -1.25 16.98 11.14
N GLY B 208 -2.58 17.10 11.15
CA GLY B 208 -3.31 17.04 12.41
C GLY B 208 -3.52 18.34 13.18
N MET B 209 -3.44 19.48 12.51
CA MET B 209 -3.86 20.74 13.12
C MET B 209 -5.36 20.77 13.41
N SER B 210 -5.72 21.54 14.43
CA SER B 210 -7.11 21.85 14.74
C SER B 210 -7.72 22.74 13.66
N PRO B 211 -8.94 22.43 13.24
CA PRO B 211 -9.57 23.23 12.18
C PRO B 211 -10.13 24.54 12.72
N TYR B 212 -10.18 25.58 11.88
CA TYR B 212 -10.64 26.91 12.28
C TYR B 212 -9.94 27.42 13.58
N PRO B 213 -8.61 27.29 13.67
CA PRO B 213 -7.90 27.65 14.91
C PRO B 213 -8.14 29.09 15.27
N GLY B 214 -8.58 29.36 16.49
CA GLY B 214 -8.70 30.73 16.96
C GLY B 214 -10.10 31.29 16.81
N ILE B 215 -10.90 30.64 15.98
CA ILE B 215 -12.26 31.09 15.71
C ILE B 215 -13.23 30.53 16.74
N ASP B 216 -14.02 31.42 17.33
CA ASP B 216 -15.05 31.02 18.28
C ASP B 216 -16.17 30.21 17.61
N LEU B 217 -16.48 29.06 18.20
CA LEU B 217 -17.49 28.15 17.65
C LEU B 217 -18.82 28.83 17.35
N SER B 218 -19.12 29.90 18.08
CA SER B 218 -20.39 30.59 17.94
C SER B 218 -20.46 31.45 16.68
N GLN B 219 -19.32 31.64 16.02
CA GLN B 219 -19.28 32.43 14.80
C GLN B 219 -19.24 31.55 13.55
N VAL B 220 -18.92 30.27 13.76
CA VAL B 220 -18.74 29.32 12.66
C VAL B 220 -19.90 29.23 11.67
N TYR B 221 -21.14 29.08 12.16
CA TYR B 221 -22.24 28.97 11.22
C TYR B 221 -22.32 30.22 10.34
N GLU B 222 -22.35 31.38 10.97
CA GLU B 222 -22.47 32.64 10.21
C GLU B 222 -21.30 32.88 9.25
N LEU B 223 -20.07 32.59 9.70
CA LEU B 223 -18.91 32.66 8.82
C LEU B 223 -19.09 31.76 7.58
N LEU B 224 -19.44 30.51 7.81
CA LEU B 224 -19.68 29.58 6.71
C LEU B 224 -20.75 30.11 5.76
N GLU B 225 -21.82 30.68 6.31
CA GLU B 225 -22.92 31.20 5.49
C GLU B 225 -22.45 32.36 4.62
N LYS B 226 -21.43 33.07 5.10
CA LYS B 226 -20.95 34.23 4.38
C LYS B 226 -19.72 33.90 3.58
N ASP B 227 -19.53 32.60 3.37
CA ASP B 227 -18.53 32.05 2.47
C ASP B 227 -17.12 31.97 3.02
N TYR B 228 -16.95 32.13 4.32
CA TYR B 228 -15.64 31.83 4.88
C TYR B 228 -15.34 30.33 4.70
N ARG B 229 -14.13 30.02 4.26
CA ARG B 229 -13.68 28.64 4.16
C ARG B 229 -12.20 28.59 4.52
N MET B 230 -11.75 27.46 5.04
CA MET B 230 -10.35 27.34 5.44
C MET B 230 -9.45 27.44 4.22
N GLU B 231 -8.26 28.00 4.42
CA GLU B 231 -7.30 28.23 3.35
C GLU B 231 -6.56 26.96 2.99
N ARG B 232 -6.07 26.91 1.76
CA ARG B 232 -5.26 25.80 1.32
C ARG B 232 -4.04 25.68 2.24
N PRO B 233 -3.89 24.54 2.92
CA PRO B 233 -2.72 24.26 3.76
C PRO B 233 -1.42 24.29 2.96
N GLU B 234 -0.31 24.66 3.59
CA GLU B 234 0.99 24.62 2.94
C GLU B 234 1.32 23.21 2.45
N GLY B 235 1.80 23.13 1.22
CA GLY B 235 2.20 21.85 0.64
C GLY B 235 1.05 21.12 -0.02
N CYS B 236 -0.17 21.58 0.26
CA CYS B 236 -1.37 20.95 -0.27
C CYS B 236 -1.52 21.19 -1.76
N PRO B 237 -1.41 20.11 -2.55
CA PRO B 237 -1.63 20.20 -4.00
C PRO B 237 -2.93 20.93 -4.31
N GLU B 238 -2.90 21.74 -5.35
CA GLU B 238 -4.05 22.56 -5.69
C GLU B 238 -5.29 21.72 -5.97
N LYS B 239 -5.12 20.57 -6.62
CA LYS B 239 -6.27 19.76 -7.01
C LYS B 239 -6.89 19.09 -5.79
N VAL B 240 -6.09 18.87 -4.76
CA VAL B 240 -6.63 18.36 -3.52
C VAL B 240 -7.46 19.45 -2.83
N TYR B 241 -6.93 20.67 -2.84
CA TYR B 241 -7.65 21.78 -2.25
C TYR B 241 -8.96 22.05 -3.01
N GLU B 242 -8.92 21.92 -4.34
CA GLU B 242 -10.12 22.11 -5.13
C GLU B 242 -11.21 21.13 -4.68
N LEU B 243 -10.84 19.89 -4.44
CA LEU B 243 -11.73 18.84 -3.93
C LEU B 243 -12.29 19.15 -2.54
N MET B 244 -11.42 19.73 -1.72
CA MET B 244 -11.78 20.20 -0.40
C MET B 244 -12.89 21.23 -0.50
N ARG B 245 -12.67 22.21 -1.38
CA ARG B 245 -13.66 23.27 -1.60
C ARG B 245 -14.99 22.73 -2.13
N ALA B 246 -14.96 21.70 -2.97
CA ALA B 246 -16.20 21.15 -3.51
C ALA B 246 -17.03 20.45 -2.40
N CYS B 247 -16.32 19.83 -1.46
CA CYS B 247 -16.92 19.21 -0.29
C CYS B 247 -17.60 20.23 0.60
N TRP B 248 -17.17 21.49 0.49
CA TRP B 248 -17.69 22.55 1.34
C TRP B 248 -18.64 23.52 0.59
N GLN B 249 -19.27 23.05 -0.48
CA GLN B 249 -20.28 23.85 -1.16
C GLN B 249 -21.45 24.07 -0.20
N TRP B 250 -21.95 25.29 -0.15
CA TRP B 250 -23.04 25.63 0.75
C TRP B 250 -24.23 24.68 0.55
N ASN B 251 -24.67 24.55 -0.70
CA ASN B 251 -25.79 23.66 -1.03
C ASN B 251 -25.28 22.22 -1.14
N PRO B 252 -25.86 21.31 -0.34
CA PRO B 252 -25.45 19.90 -0.27
C PRO B 252 -25.45 19.21 -1.65
N SER B 253 -26.41 19.58 -2.49
CA SER B 253 -26.56 18.92 -3.79
C SER B 253 -25.47 19.38 -4.75
N ASP B 254 -24.75 20.45 -4.40
CA ASP B 254 -23.59 20.87 -5.18
C ASP B 254 -22.32 20.14 -4.76
N ARG B 255 -22.42 19.32 -3.72
CA ARG B 255 -21.23 18.63 -3.24
C ARG B 255 -21.08 17.34 -4.02
N PRO B 256 -19.85 16.99 -4.37
CA PRO B 256 -19.61 15.73 -5.09
C PRO B 256 -20.05 14.52 -4.28
N SER B 257 -20.34 13.41 -4.97
CA SER B 257 -20.55 12.16 -4.28
C SER B 257 -19.23 11.53 -3.89
N PHE B 258 -19.31 10.56 -2.97
CA PHE B 258 -18.14 9.84 -2.53
C PHE B 258 -17.58 8.98 -3.66
N ALA B 259 -18.46 8.53 -4.54
CA ALA B 259 -18.02 7.83 -5.74
C ALA B 259 -17.10 8.72 -6.56
N GLU B 260 -17.53 9.96 -6.80
CA GLU B 260 -16.73 10.92 -7.56
C GLU B 260 -15.44 11.30 -6.82
N ILE B 261 -15.53 11.47 -5.50
CA ILE B 261 -14.35 11.81 -4.69
C ILE B 261 -13.34 10.68 -4.76
N HIS B 262 -13.81 9.46 -4.56
CA HIS B 262 -12.94 8.30 -4.66
C HIS B 262 -12.23 8.25 -6.00
N GLN B 263 -13.00 8.40 -7.08
CA GLN B 263 -12.45 8.37 -8.43
C GLN B 263 -11.39 9.45 -8.66
N ALA B 264 -11.63 10.64 -8.16
CA ALA B 264 -10.66 11.72 -8.32
C ALA B 264 -9.36 11.38 -7.57
N PHE B 265 -9.49 10.84 -6.36
CA PHE B 265 -8.31 10.56 -5.56
C PHE B 265 -7.50 9.39 -6.12
N GLU B 266 -8.18 8.34 -6.57
CA GLU B 266 -7.48 7.21 -7.20
C GLU B 266 -6.61 7.69 -8.37
N THR B 267 -7.19 8.51 -9.23
CA THR B 267 -6.45 9.09 -10.34
C THR B 267 -5.20 9.82 -9.84
N MET B 268 -5.38 10.76 -8.94
CA MET B 268 -4.27 11.55 -8.41
C MET B 268 -3.26 10.64 -7.72
N PHE B 269 -3.74 9.63 -6.99
CA PHE B 269 -2.82 8.76 -6.27
C PHE B 269 -1.97 7.92 -7.23
N GLN B 270 -2.63 7.32 -8.22
CA GLN B 270 -1.93 6.42 -9.13
C GLN B 270 -0.92 7.15 -10.01
N GLU B 271 -1.24 8.39 -10.39
CA GLU B 271 -0.34 9.16 -11.23
C GLU B 271 0.86 9.72 -10.47
N SER B 272 0.71 9.86 -9.16
CA SER B 272 1.62 10.64 -8.35
C SER B 272 2.93 9.92 -8.01
N SER B 273 4.03 10.65 -8.14
CA SER B 273 5.34 10.15 -7.80
C SER B 273 5.51 10.16 -6.27
N ILE B 274 6.45 9.36 -5.78
CA ILE B 274 6.78 9.40 -4.36
C ILE B 274 7.47 10.75 -4.06
N SER B 275 8.12 11.33 -5.07
CA SER B 275 8.44 12.76 -5.10
C SER B 275 9.08 13.32 -3.86
N1 VX6 C . 9.36 -24.54 -14.57
C2 VX6 C . 8.74 -24.05 -15.81
C3 VX6 C . 8.49 -22.54 -15.70
N4 VX6 C . 7.68 -22.26 -14.50
C5 VX6 C . 8.21 -22.86 -13.26
C6 VX6 C . 8.41 -24.36 -13.46
C7 VX6 C . 9.74 -25.96 -14.70
C8 VX6 C . 7.42 -20.88 -14.29
C9 VX6 C . 7.24 -19.99 -15.35
C10 VX6 C . 6.93 -18.65 -15.07
N11 VX6 C . 6.81 -18.24 -13.79
C12 VX6 C . 7.00 -19.11 -12.77
N13 VX6 C . 7.29 -20.41 -13.02
N14 VX6 C . 6.76 -17.79 -16.08
C15 VX6 C . 6.33 -16.52 -15.95
C17 VX6 C . 6.04 -15.64 -14.90
C18 VX6 C . 5.64 -14.47 -15.56
N19 VX6 C . 5.70 -14.63 -16.89
N20 VX6 C . 6.14 -15.93 -17.13
C21 VX6 C . 5.24 -13.29 -14.71
S23 VX6 C . 6.83 -18.60 -11.15
C24 VX6 C . 6.23 -16.99 -11.18
C25 VX6 C . 7.00 -15.96 -10.64
C26 VX6 C . 6.54 -14.64 -10.64
C27 VX6 C . 5.29 -14.33 -11.18
C28 VX6 C . 4.52 -15.36 -11.72
C29 VX6 C . 4.97 -16.68 -11.72
N30 VX6 C . 4.90 -13.01 -11.15
C31 VX6 C . 3.82 -12.45 -11.71
O32 VX6 C . 2.95 -13.05 -12.34
C33 VX6 C . 3.71 -10.95 -11.53
C34 VX6 C . 3.42 -10.24 -12.86
C35 VX6 C . 2.30 -10.45 -11.85
O1 MXE D . 8.85 -5.20 -6.89
C1 MXE D . 8.97 -5.64 -5.57
C2 MXE D . 8.47 -7.07 -5.46
O2 MXE D . 8.82 -7.78 -6.64
C3 MXE D . 8.70 -9.17 -6.46
H11 MXE D . 8.44 -5.07 -4.98
H12 MXE D . 9.91 -5.60 -5.28
H21 MXE D . 8.88 -7.50 -4.69
H22 MXE D . 7.51 -7.06 -5.36
H31 MXE D . 7.77 -9.41 -6.28
H32 MXE D . 8.99 -9.63 -7.28
H33 MXE D . 9.27 -9.45 -5.72
O1 MXE E . 18.75 -12.11 2.96
C1 MXE E . 17.42 -12.57 2.94
C2 MXE E . 16.88 -12.57 4.35
O2 MXE E . 16.39 -11.28 4.66
C3 MXE E . 15.54 -11.27 5.79
H11 MXE E . 17.40 -13.49 2.59
H12 MXE E . 16.88 -12.00 2.38
H21 MXE E . 16.15 -13.22 4.42
H22 MXE E . 17.58 -12.81 4.97
H31 MXE E . 16.03 -11.57 6.58
H32 MXE E . 15.19 -10.37 5.92
H33 MXE E . 14.79 -11.88 5.63
O1 MXE F . 21.65 1.60 12.07
C1 MXE F . 21.75 0.53 12.98
C2 MXE F . 20.56 -0.39 12.81
O2 MXE F . 20.78 -1.27 11.72
C3 MXE F . 19.77 -2.24 11.56
H11 MXE F . 21.77 0.87 13.89
H12 MXE F . 22.57 0.03 12.80
H21 MXE F . 20.44 -0.91 13.62
H22 MXE F . 19.76 0.14 12.64
H31 MXE F . 18.92 -1.79 11.34
H32 MXE F . 20.01 -2.83 10.81
H33 MXE F . 19.67 -2.75 12.37
N1 VX6 G . -0.80 3.55 20.52
C2 VX6 G . -1.09 2.15 20.17
C3 VX6 G . -2.50 2.00 19.59
N4 VX6 G . -3.48 2.55 20.55
C5 VX6 G . -3.18 3.96 20.85
C6 VX6 G . -1.80 4.05 21.48
C7 VX6 G . 0.53 3.68 21.13
C8 VX6 G . -4.80 2.42 20.10
C9 VX6 G . -5.11 1.47 19.14
C10 VX6 G . -6.44 1.35 18.73
N11 VX6 G . -7.39 2.15 19.25
C12 VX6 G . -7.08 3.09 20.19
N13 VX6 G . -5.79 3.21 20.61
N14 VX6 G . -6.74 0.42 17.80
C15 VX6 G . -8.01 0.00 17.57
C17 VX6 G . -9.29 0.43 17.89
C18 VX6 G . -10.10 -0.52 17.28
N19 VX6 G . -9.37 -1.44 16.64
N20 VX6 G . -8.03 -1.10 16.82
C21 VX6 G . -11.60 -0.36 17.45
S23 VX6 G . -8.30 4.09 20.83
C24 VX6 G . -9.81 3.52 20.24
C25 VX6 G . -10.32 2.28 20.59
C26 VX6 G . -11.56 1.84 20.10
C27 VX6 G . -12.34 2.64 19.26
C28 VX6 G . -11.83 3.89 18.92
C29 VX6 G . -10.59 4.33 19.41
N30 VX6 G . -13.56 2.26 18.75
C31 VX6 G . -14.19 1.08 18.88
O32 VX6 G . -13.69 0.06 19.34
C33 VX6 G . -15.64 1.01 18.44
C34 VX6 G . -15.81 0.24 17.14
C35 VX6 G . -16.17 -0.42 18.47
O1 MES H . 3.09 5.86 -1.00
C2 MES H . 4.33 5.31 -0.60
C3 MES H . 4.42 3.82 -0.81
N4 MES H . 3.33 3.14 -0.22
C5 MES H . 2.07 3.68 -0.62
C6 MES H . 2.00 5.18 -0.41
C7 MES H . 3.34 1.74 -0.61
C8 MES H . 4.42 0.97 0.18
S MES H . 4.50 -0.72 -0.44
O1S MES H . 5.78 -1.37 0.03
O2S MES H . 4.67 -0.72 -1.93
O3S MES H . 3.27 -1.49 -0.02
H21 MES H . 4.48 5.51 0.34
H22 MES H . 5.06 5.75 -1.12
H31 MES H . 4.42 3.63 -1.78
H32 MES H . 5.25 3.49 -0.42
HN4 MES H . 3.40 3.19 0.70
H51 MES H . 1.36 3.26 -0.10
H52 MES H . 1.93 3.49 -1.57
H61 MES H . 1.16 5.52 -0.80
H62 MES H . 1.99 5.37 0.54
H71 MES H . 2.47 1.34 -0.43
H72 MES H . 3.54 1.66 -1.56
H81 MES H . 5.29 1.40 0.04
H82 MES H . 4.20 0.96 1.13
#